data_6B16
#
_entry.id   6B16
#
_cell.length_a   62.682
_cell.length_b   82.458
_cell.length_c   66.036
_cell.angle_alpha   90.00
_cell.angle_beta   106.31
_cell.angle_gamma   90.00
#
_symmetry.space_group_name_H-M   'P 1 21 1'
#
loop_
_entity.id
_entity.type
_entity.pdbx_description
1 polymer 'Serine/threonine-protein kinase PAK 1'
2 non-polymer N~4~-(5-cyclopropyl-1H-pyrazol-3-yl)-N~2~-[(1S)-1-(1H-pyrrolo[3,2-b]pyridin-5-yl)ethyl]pyrimidine-2,4-diamine
3 non-polymer 'SULFATE ION'
4 water water
#
_entity_poly.entity_id   1
_entity_poly.type   'polypeptide(L)'
_entity_poly.pdbx_seq_one_letter_code
;GSDEEILEKLRSIVSVGDPKKKYTRFEKIGQGASGTVYTAMDVATGQEVAIKQMNLQQQPKKELIINEILVMRENKNPNI
VNYLDSYLVGDELWVVMEYLAGGSLTDVVTETCMDEGQIAAVCRECLQALEFLHSNQVIHRNIKSDNILLGMDGSVKLTD
FGFCAQITPEQSKRSTMVGTPYWMAPEVVTRKAYGPKVDIWSLGIMAIEMIEGEPPYLNENPLRALYLIATNGTPELQNP
EKLSAIFRDFLNRCLEMDVEKRGSAKELLQHQFLKIAKPLSSLTPLIAAAKEATKNNHGNS
;
_entity_poly.pdbx_strand_id   A,B
#
# COMPACT_ATOMS: atom_id res chain seq x y z
N GLU A 4 -18.45 -14.38 -0.75
CA GLU A 4 -17.24 -14.15 -1.51
C GLU A 4 -16.45 -15.44 -1.68
N GLU A 5 -16.48 -15.99 -2.89
CA GLU A 5 -15.85 -17.26 -3.21
C GLU A 5 -14.36 -17.27 -2.88
N ILE A 6 -13.69 -16.17 -3.21
CA ILE A 6 -12.24 -16.04 -2.98
C ILE A 6 -11.89 -16.21 -1.51
N LEU A 7 -12.73 -15.67 -0.64
CA LEU A 7 -12.47 -15.69 0.80
C LEU A 7 -12.52 -17.12 1.36
N GLU A 8 -13.29 -18.00 0.71
CA GLU A 8 -13.35 -19.39 1.12
C GLU A 8 -12.35 -20.25 0.35
N LYS A 9 -11.88 -19.75 -0.78
CA LYS A 9 -10.81 -20.40 -1.51
C LYS A 9 -9.52 -20.30 -0.70
N LEU A 10 -9.38 -19.18 -0.01
CA LEU A 10 -8.22 -18.95 0.86
C LEU A 10 -8.29 -19.82 2.11
N ARG A 11 -9.47 -19.87 2.74
CA ARG A 11 -9.66 -20.67 3.94
C ARG A 11 -9.54 -22.16 3.62
N SER A 12 -9.76 -22.50 2.36
CA SER A 12 -9.62 -23.88 1.92
C SER A 12 -8.15 -24.28 1.88
N ILE A 13 -7.29 -23.32 1.53
CA ILE A 13 -5.85 -23.57 1.42
C ILE A 13 -5.19 -23.84 2.78
N VAL A 14 -5.28 -22.86 3.68
CA VAL A 14 -4.57 -22.93 4.96
C VAL A 14 -5.03 -24.10 5.82
N SER A 15 -4.14 -24.56 6.69
CA SER A 15 -4.43 -25.74 7.51
C SER A 15 -5.06 -25.35 8.84
N VAL A 16 -5.66 -26.33 9.50
CA VAL A 16 -6.23 -26.13 10.83
C VAL A 16 -5.13 -26.15 11.89
N GLY A 17 -5.50 -26.47 13.12
CA GLY A 17 -4.55 -26.52 14.21
C GLY A 17 -4.26 -25.15 14.80
N ASP A 18 -3.76 -25.14 16.03
CA ASP A 18 -3.48 -23.89 16.75
C ASP A 18 -2.01 -23.53 16.62
N PRO A 19 -1.72 -22.33 16.09
CA PRO A 19 -0.35 -21.83 15.92
C PRO A 19 0.36 -21.67 17.25
N LYS A 20 -0.37 -21.14 18.24
CA LYS A 20 0.16 -20.88 19.57
C LYS A 20 0.72 -22.13 20.24
N LYS A 21 0.29 -23.29 19.77
CA LYS A 21 0.66 -24.56 20.40
C LYS A 21 1.84 -25.25 19.72
N LYS A 22 2.05 -24.97 18.44
CA LYS A 22 3.15 -25.60 17.72
C LYS A 22 4.47 -24.85 17.92
N TYR A 23 4.39 -23.52 17.94
CA TYR A 23 5.57 -22.70 18.18
C TYR A 23 5.45 -21.97 19.51
N THR A 24 6.59 -21.57 20.08
CA THR A 24 6.59 -20.80 21.31
C THR A 24 7.63 -19.67 21.24
N ARG A 25 7.64 -18.85 22.28
CA ARG A 25 8.61 -17.75 22.42
C ARG A 25 8.59 -16.82 21.21
N PHE A 26 7.43 -16.18 21.01
CA PHE A 26 7.22 -15.29 19.87
C PHE A 26 7.74 -13.88 20.16
N GLU A 27 8.49 -13.31 19.21
CA GLU A 27 9.05 -11.98 19.39
C GLU A 27 8.97 -11.15 18.10
N LYS A 28 8.46 -9.93 18.21
CA LYS A 28 8.27 -9.05 17.06
C LYS A 28 9.59 -8.58 16.47
N ILE A 29 9.63 -8.41 15.15
CA ILE A 29 10.81 -7.90 14.46
C ILE A 29 10.40 -7.09 13.22
N GLY A 30 9.12 -7.15 12.88
CA GLY A 30 8.62 -6.41 11.73
C GLY A 30 7.16 -5.99 11.80
N GLN A 31 6.90 -4.77 11.36
CA GLN A 31 5.53 -4.24 11.25
C GLN A 31 5.54 -2.99 10.37
N GLY A 32 5.27 -3.19 9.08
CA GLY A 32 5.26 -2.09 8.14
C GLY A 32 4.31 -2.32 6.98
N ALA A 33 4.72 -1.90 5.79
CA ALA A 33 3.89 -2.05 4.59
C ALA A 33 3.74 -3.52 4.21
N SER A 34 3.02 -4.27 5.05
CA SER A 34 2.75 -5.68 4.82
C SER A 34 1.77 -6.18 5.88
N GLY A 35 2.23 -6.24 7.12
CA GLY A 35 1.42 -6.67 8.24
C GLY A 35 2.22 -6.59 9.52
N THR A 36 2.47 -7.75 10.13
CA THR A 36 3.30 -7.84 11.33
C THR A 36 4.13 -9.13 11.30
N VAL A 37 5.45 -8.98 11.39
CA VAL A 37 6.35 -10.12 11.34
C VAL A 37 7.01 -10.40 12.68
N TYR A 38 6.94 -11.65 13.12
CA TYR A 38 7.48 -12.06 14.41
C TYR A 38 8.48 -13.20 14.21
N THR A 39 9.29 -13.47 15.23
CA THR A 39 10.17 -14.64 15.22
C THR A 39 9.66 -15.65 16.25
N ALA A 40 9.97 -16.92 16.07
CA ALA A 40 9.47 -17.97 16.96
C ALA A 40 10.30 -19.24 16.87
N MET A 41 9.95 -20.23 17.68
CA MET A 41 10.73 -21.48 17.73
C MET A 41 9.82 -22.71 17.73
N ASP A 42 10.28 -23.77 17.06
CA ASP A 42 9.56 -25.03 17.05
C ASP A 42 9.79 -25.78 18.34
N VAL A 43 8.71 -26.27 18.94
CA VAL A 43 8.77 -26.92 20.25
C VAL A 43 9.51 -28.26 20.19
N ALA A 44 9.23 -29.05 19.16
CA ALA A 44 9.73 -30.42 19.07
C ALA A 44 11.17 -30.53 18.58
N THR A 45 11.53 -29.72 17.58
CA THR A 45 12.86 -29.81 16.96
C THR A 45 13.78 -28.68 17.38
N GLY A 46 13.20 -27.57 17.82
CA GLY A 46 13.99 -26.42 18.23
C GLY A 46 14.40 -25.54 17.06
N GLN A 47 13.53 -25.49 16.04
CA GLN A 47 13.81 -24.70 14.85
C GLN A 47 13.23 -23.29 14.96
N GLU A 48 14.09 -22.29 14.76
CA GLU A 48 13.66 -20.89 14.74
C GLU A 48 12.94 -20.59 13.42
N VAL A 49 11.81 -19.88 13.52
CA VAL A 49 11.01 -19.56 12.33
C VAL A 49 10.58 -18.10 12.32
N ALA A 50 10.14 -17.62 11.16
CA ALA A 50 9.57 -16.28 11.03
C ALA A 50 8.09 -16.37 10.69
N ILE A 51 7.26 -15.67 11.46
CA ILE A 51 5.81 -15.74 11.28
C ILE A 51 5.20 -14.37 10.99
N LYS A 52 4.61 -14.23 9.82
CA LYS A 52 3.97 -12.98 9.41
C LYS A 52 2.47 -13.02 9.72
N GLN A 53 1.89 -11.86 9.98
CA GLN A 53 0.44 -11.77 10.16
C GLN A 53 -0.21 -10.96 9.05
N GLN A 59 -7.31 -7.78 1.84
CA GLN A 59 -7.16 -6.81 2.93
C GLN A 59 -5.85 -6.04 2.89
N PRO A 60 -5.60 -5.24 1.83
CA PRO A 60 -6.40 -5.07 0.61
C PRO A 60 -6.04 -6.11 -0.45
N LYS A 61 -7.03 -6.54 -1.24
CA LYS A 61 -6.84 -7.54 -2.29
C LYS A 61 -6.26 -8.84 -1.75
N LYS A 62 -7.13 -9.76 -1.36
CA LYS A 62 -6.71 -11.03 -0.79
C LYS A 62 -6.32 -12.05 -1.85
N GLU A 63 -6.09 -11.59 -3.07
CA GLU A 63 -5.69 -12.48 -4.15
C GLU A 63 -4.19 -12.65 -4.22
N LEU A 64 -3.44 -11.59 -3.91
CA LEU A 64 -2.00 -11.68 -3.83
C LEU A 64 -1.61 -12.74 -2.80
N ILE A 65 -2.40 -12.82 -1.74
CA ILE A 65 -2.18 -13.80 -0.69
C ILE A 65 -2.32 -15.23 -1.21
N ILE A 66 -3.48 -15.53 -1.82
CA ILE A 66 -3.75 -16.86 -2.35
C ILE A 66 -2.63 -17.34 -3.28
N ASN A 67 -2.31 -16.51 -4.27
CA ASN A 67 -1.26 -16.86 -5.22
C ASN A 67 0.11 -16.96 -4.56
N GLU A 68 0.37 -16.12 -3.56
CA GLU A 68 1.62 -16.19 -2.81
C GLU A 68 1.82 -17.58 -2.25
N ILE A 69 0.89 -17.99 -1.38
CA ILE A 69 0.95 -19.29 -0.73
C ILE A 69 0.99 -20.42 -1.76
N LEU A 70 0.10 -20.38 -2.75
CA LEU A 70 0.03 -21.43 -3.75
C LEU A 70 1.34 -21.54 -4.53
N VAL A 71 1.87 -20.42 -5.00
CA VAL A 71 3.11 -20.42 -5.77
C VAL A 71 4.30 -20.85 -4.91
N MET A 72 4.34 -20.37 -3.67
CA MET A 72 5.41 -20.73 -2.74
C MET A 72 5.41 -22.22 -2.39
N ARG A 73 4.22 -22.80 -2.23
CA ARG A 73 4.11 -24.20 -1.85
C ARG A 73 4.65 -25.15 -2.92
N GLU A 74 4.47 -24.79 -4.18
CA GLU A 74 4.86 -25.67 -5.28
C GLU A 74 6.11 -25.19 -6.01
N ASN A 75 6.91 -24.36 -5.34
CA ASN A 75 8.18 -23.91 -5.87
C ASN A 75 9.23 -23.82 -4.78
N LYS A 76 9.41 -24.91 -4.04
CA LYS A 76 10.42 -24.98 -3.00
C LYS A 76 11.81 -25.06 -3.63
N ASN A 77 12.76 -24.34 -3.05
CA ASN A 77 14.12 -24.30 -3.57
C ASN A 77 15.10 -23.78 -2.51
N PRO A 78 16.31 -24.34 -2.47
CA PRO A 78 17.37 -23.89 -1.55
C PRO A 78 17.59 -22.38 -1.57
N ASN A 79 17.35 -21.74 -2.71
CA ASN A 79 17.59 -20.31 -2.83
C ASN A 79 16.31 -19.48 -2.73
N ILE A 80 15.26 -20.09 -2.21
CA ILE A 80 14.00 -19.40 -1.98
C ILE A 80 13.61 -19.53 -0.52
N VAL A 81 13.28 -18.40 0.12
CA VAL A 81 12.80 -18.42 1.50
C VAL A 81 11.62 -19.37 1.61
N ASN A 82 11.86 -20.47 2.32
CA ASN A 82 10.90 -21.56 2.38
C ASN A 82 9.62 -21.22 3.15
N TYR A 83 8.48 -21.46 2.51
CA TYR A 83 7.18 -21.41 3.20
C TYR A 83 6.99 -22.70 3.99
N LEU A 84 6.57 -22.57 5.25
CA LEU A 84 6.42 -23.75 6.11
C LEU A 84 4.95 -24.09 6.32
N ASP A 85 4.27 -23.29 7.12
CA ASP A 85 2.86 -23.53 7.43
C ASP A 85 2.03 -22.25 7.27
N SER A 86 0.73 -22.39 7.44
CA SER A 86 -0.17 -21.23 7.45
C SER A 86 -1.38 -21.49 8.31
N TYR A 87 -1.83 -20.44 9.00
CA TYR A 87 -2.99 -20.53 9.88
C TYR A 87 -3.82 -19.25 9.78
N LEU A 88 -5.04 -19.29 10.31
CA LEU A 88 -5.91 -18.12 10.28
C LEU A 88 -6.51 -17.85 11.66
N ASP A 91 -8.78 -12.78 11.28
CA ASP A 91 -8.92 -12.12 9.99
C ASP A 91 -7.54 -11.93 9.34
N GLU A 92 -6.50 -11.90 10.17
CA GLU A 92 -5.13 -11.82 9.67
C GLU A 92 -4.52 -13.21 9.55
N LEU A 93 -3.85 -13.45 8.43
CA LEU A 93 -3.26 -14.76 8.14
C LEU A 93 -1.94 -14.95 8.83
N TRP A 94 -1.69 -16.13 9.36
CA TRP A 94 -0.41 -16.41 10.02
C TRP A 94 0.44 -17.36 9.20
N VAL A 95 1.41 -16.79 8.49
CA VAL A 95 2.27 -17.55 7.59
C VAL A 95 3.63 -17.82 8.21
N VAL A 96 3.97 -19.10 8.38
CA VAL A 96 5.24 -19.48 8.98
C VAL A 96 6.27 -19.77 7.90
N MET A 97 7.42 -19.10 7.99
CA MET A 97 8.45 -19.23 6.97
C MET A 97 9.83 -19.47 7.55
N GLU A 98 10.76 -19.88 6.69
CA GLU A 98 12.16 -20.00 7.03
C GLU A 98 12.67 -18.66 7.55
N TYR A 99 13.39 -18.68 8.67
CA TYR A 99 13.92 -17.45 9.25
C TYR A 99 15.39 -17.26 8.89
N LEU A 100 15.69 -16.13 8.28
CA LEU A 100 17.06 -15.79 7.92
C LEU A 100 17.49 -14.60 8.75
N ALA A 101 18.45 -14.84 9.66
CA ALA A 101 18.83 -13.87 10.69
C ALA A 101 19.70 -12.74 10.16
N GLY A 102 20.37 -12.96 9.04
CA GLY A 102 21.27 -11.97 8.48
C GLY A 102 20.54 -10.76 7.91
N GLY A 103 19.22 -10.89 7.74
CA GLY A 103 18.42 -9.78 7.26
C GLY A 103 18.50 -9.56 5.76
N SER A 104 18.05 -8.39 5.30
CA SER A 104 17.90 -8.13 3.88
C SER A 104 19.19 -7.64 3.21
N LEU A 105 19.29 -7.90 1.90
CA LEU A 105 20.42 -7.45 1.11
C LEU A 105 20.50 -5.92 1.05
N THR A 106 19.35 -5.26 1.22
CA THR A 106 19.29 -3.81 1.17
C THR A 106 20.25 -3.13 2.18
N ASP A 107 20.29 -3.63 3.42
CA ASP A 107 21.17 -3.06 4.45
C ASP A 107 22.64 -3.20 4.06
N VAL A 108 22.97 -4.31 3.43
CA VAL A 108 24.32 -4.57 2.94
C VAL A 108 24.68 -3.65 1.76
N VAL A 109 23.76 -3.45 0.82
CA VAL A 109 24.12 -2.68 -0.37
C VAL A 109 24.21 -1.18 -0.05
N THR A 110 23.46 -0.75 0.95
CA THR A 110 23.43 0.67 1.28
C THR A 110 24.43 1.10 2.37
N GLU A 111 24.90 0.14 3.17
CA GLU A 111 25.82 0.49 4.27
C GLU A 111 27.23 -0.06 4.13
N THR A 112 27.46 -0.88 3.11
CA THR A 112 28.78 -1.51 2.94
C THR A 112 29.25 -1.46 1.50
N CYS A 113 30.57 -1.56 1.34
CA CYS A 113 31.16 -1.74 0.03
C CYS A 113 31.34 -3.23 -0.20
N MET A 114 30.92 -3.71 -1.36
CA MET A 114 31.03 -5.13 -1.70
C MET A 114 32.05 -5.29 -2.80
N ASP A 115 32.93 -6.26 -2.70
CA ASP A 115 33.91 -6.49 -3.75
C ASP A 115 33.32 -7.45 -4.77
N GLU A 116 34.01 -7.63 -5.89
CA GLU A 116 33.43 -8.37 -7.00
C GLU A 116 33.16 -9.84 -6.65
N GLY A 117 34.01 -10.42 -5.82
CA GLY A 117 33.82 -11.80 -5.39
C GLY A 117 32.56 -11.99 -4.55
N GLN A 118 32.24 -10.99 -3.74
CA GLN A 118 31.05 -11.04 -2.90
C GLN A 118 29.79 -10.81 -3.74
N ILE A 119 29.85 -9.83 -4.65
CA ILE A 119 28.75 -9.54 -5.56
C ILE A 119 28.45 -10.75 -6.44
N ALA A 120 29.50 -11.36 -6.97
CA ALA A 120 29.34 -12.53 -7.85
C ALA A 120 28.64 -13.67 -7.12
N ALA A 121 28.96 -13.86 -5.85
CA ALA A 121 28.38 -14.94 -5.05
C ALA A 121 26.87 -14.76 -4.88
N VAL A 122 26.45 -13.54 -4.59
CA VAL A 122 25.04 -13.22 -4.44
C VAL A 122 24.29 -13.38 -5.76
N CYS A 123 24.88 -12.86 -6.85
CA CYS A 123 24.30 -13.02 -8.18
C CYS A 123 24.05 -14.48 -8.53
N ARG A 124 25.04 -15.32 -8.22
CA ARG A 124 24.98 -16.74 -8.52
C ARG A 124 23.84 -17.41 -7.77
N GLU A 125 23.72 -17.12 -6.47
CA GLU A 125 22.63 -17.66 -5.66
C GLU A 125 21.28 -17.22 -6.20
N CYS A 126 21.19 -15.94 -6.59
CA CYS A 126 19.97 -15.37 -7.15
C CYS A 126 19.63 -15.96 -8.52
N LEU A 127 20.64 -16.14 -9.36
CA LEU A 127 20.44 -16.74 -10.66
C LEU A 127 19.91 -18.16 -10.54
N GLN A 128 20.43 -18.90 -9.56
CA GLN A 128 19.99 -20.28 -9.31
C GLN A 128 18.53 -20.33 -8.89
N ALA A 129 18.11 -19.34 -8.09
CA ALA A 129 16.69 -19.21 -7.74
C ALA A 129 15.87 -18.89 -8.99
N LEU A 130 16.39 -18.01 -9.83
CA LEU A 130 15.69 -17.57 -11.03
C LEU A 130 15.64 -18.67 -12.08
N GLU A 131 16.70 -19.47 -12.15
CA GLU A 131 16.73 -20.57 -13.11
C GLU A 131 15.67 -21.60 -12.74
N PHE A 132 15.47 -21.77 -11.44
CA PHE A 132 14.48 -22.71 -10.92
C PHE A 132 13.06 -22.21 -11.19
N LEU A 133 12.82 -20.92 -10.98
CA LEU A 133 11.49 -20.34 -11.17
C LEU A 133 11.10 -20.28 -12.65
N HIS A 134 12.03 -19.85 -13.49
CA HIS A 134 11.76 -19.72 -14.91
C HIS A 134 11.51 -21.07 -15.58
N SER A 135 12.11 -22.12 -15.05
CA SER A 135 11.92 -23.46 -15.59
C SER A 135 10.55 -24.01 -15.19
N ASN A 136 10.05 -23.56 -14.03
CA ASN A 136 8.70 -23.89 -13.60
C ASN A 136 7.70 -22.83 -14.03
N GLN A 137 8.02 -22.11 -15.09
CA GLN A 137 7.11 -21.13 -15.68
C GLN A 137 6.66 -20.05 -14.69
N VAL A 138 7.57 -19.60 -13.84
CA VAL A 138 7.23 -18.53 -12.91
C VAL A 138 8.12 -17.31 -13.09
N ILE A 139 7.49 -16.17 -13.36
CA ILE A 139 8.19 -14.89 -13.42
C ILE A 139 7.98 -14.15 -12.11
N HIS A 140 9.06 -13.85 -11.41
CA HIS A 140 8.98 -13.20 -10.11
C HIS A 140 8.40 -11.78 -10.22
N ARG A 141 8.99 -10.99 -11.13
CA ARG A 141 8.57 -9.62 -11.46
C ARG A 141 8.86 -8.57 -10.38
N ASN A 142 9.40 -8.97 -9.24
CA ASN A 142 9.75 -7.99 -8.21
C ASN A 142 11.12 -8.22 -7.59
N ILE A 143 12.10 -8.55 -8.43
CA ILE A 143 13.46 -8.74 -7.97
C ILE A 143 14.10 -7.40 -7.56
N LYS A 144 14.60 -7.35 -6.33
CA LYS A 144 15.28 -6.20 -5.77
C LYS A 144 15.95 -6.64 -4.48
N SER A 145 16.92 -5.86 -4.01
CA SER A 145 17.69 -6.23 -2.83
C SER A 145 16.79 -6.40 -1.60
N ASP A 146 15.66 -5.71 -1.60
CA ASP A 146 14.73 -5.76 -0.46
C ASP A 146 14.12 -7.15 -0.31
N ASN A 147 14.08 -7.91 -1.40
CA ASN A 147 13.42 -9.21 -1.43
C ASN A 147 14.44 -10.33 -1.40
N ILE A 148 15.68 -9.99 -1.04
CA ILE A 148 16.73 -10.95 -0.81
C ILE A 148 17.05 -11.02 0.69
N LEU A 149 16.90 -12.20 1.27
CA LEU A 149 17.21 -12.38 2.69
C LEU A 149 18.51 -13.15 2.83
N LEU A 150 19.24 -12.84 3.91
CA LEU A 150 20.55 -13.45 4.13
C LEU A 150 20.59 -14.29 5.39
N GLY A 151 21.20 -15.48 5.29
CA GLY A 151 21.40 -16.30 6.46
C GLY A 151 22.60 -15.80 7.27
N MET A 152 22.65 -16.13 8.55
CA MET A 152 23.78 -15.70 9.37
C MET A 152 25.04 -16.41 8.89
N ASP A 153 24.85 -17.49 8.14
CA ASP A 153 25.95 -18.26 7.57
C ASP A 153 26.35 -17.76 6.18
N GLY A 154 25.60 -16.80 5.66
CA GLY A 154 25.89 -16.25 4.35
C GLY A 154 24.92 -16.67 3.26
N SER A 155 23.95 -17.52 3.62
CA SER A 155 22.92 -17.98 2.69
C SER A 155 22.17 -16.84 2.03
N VAL A 156 21.94 -16.97 0.73
CA VAL A 156 21.21 -15.96 -0.03
C VAL A 156 19.90 -16.54 -0.55
N LYS A 157 18.77 -15.96 -0.15
CA LYS A 157 17.46 -16.50 -0.54
C LYS A 157 16.45 -15.44 -0.98
N LEU A 158 15.60 -15.84 -1.92
CA LEU A 158 14.60 -14.96 -2.50
C LEU A 158 13.23 -15.13 -1.83
N THR A 159 12.51 -14.04 -1.66
CA THR A 159 11.13 -14.10 -1.20
C THR A 159 10.26 -13.07 -1.95
N ASP A 160 9.03 -12.90 -1.46
CA ASP A 160 8.01 -12.01 -2.03
C ASP A 160 7.49 -12.47 -3.39
N PHE A 161 6.53 -13.38 -3.35
CA PHE A 161 5.91 -13.89 -4.57
C PHE A 161 4.52 -13.27 -4.78
N GLY A 162 4.35 -12.04 -4.32
CA GLY A 162 3.06 -11.38 -4.38
C GLY A 162 2.74 -10.70 -5.71
N PHE A 163 3.71 -10.68 -6.61
CA PHE A 163 3.52 -10.01 -7.89
C PHE A 163 3.93 -10.90 -9.03
N CYS A 164 4.15 -12.18 -8.72
CA CYS A 164 4.65 -13.11 -9.71
C CYS A 164 3.60 -13.48 -10.75
N ALA A 165 4.05 -14.07 -11.85
CA ALA A 165 3.16 -14.47 -12.93
C ALA A 165 3.49 -15.89 -13.39
N GLN A 166 2.51 -16.78 -13.24
CA GLN A 166 2.65 -18.14 -13.77
C GLN A 166 2.27 -18.13 -15.23
N ILE A 167 3.19 -18.54 -16.10
CA ILE A 167 2.94 -18.52 -17.53
C ILE A 167 2.72 -19.93 -18.08
N THR A 168 2.38 -20.00 -19.36
CA THR A 168 2.13 -21.27 -20.05
C THR A 168 2.56 -21.12 -21.50
N PRO A 169 2.79 -22.26 -22.19
CA PRO A 169 3.10 -22.20 -23.62
C PRO A 169 2.03 -21.48 -24.45
N GLU A 170 0.78 -21.56 -24.02
CA GLU A 170 -0.32 -20.91 -24.73
C GLU A 170 -0.32 -19.40 -24.54
N GLN A 171 0.03 -18.95 -23.34
CA GLN A 171 0.17 -17.53 -23.06
C GLN A 171 1.41 -17.28 -22.19
N SER A 172 2.55 -17.14 -22.84
CA SER A 172 3.85 -17.08 -22.16
C SER A 172 4.31 -15.64 -21.92
N LYS A 173 3.44 -14.67 -22.21
CA LYS A 173 3.79 -13.27 -22.06
C LYS A 173 2.78 -12.51 -21.21
N ARG A 174 3.26 -11.50 -20.49
CA ARG A 174 2.38 -10.54 -19.83
C ARG A 174 2.70 -9.16 -20.37
N SER A 175 1.90 -8.17 -20.00
CA SER A 175 2.08 -6.82 -20.52
C SER A 175 1.72 -5.74 -19.52
N THR A 176 1.45 -6.15 -18.28
CA THR A 176 1.08 -5.21 -17.24
C THR A 176 2.29 -4.59 -16.55
N MET A 177 2.09 -3.39 -16.01
CA MET A 177 3.13 -2.68 -15.28
C MET A 177 3.15 -3.10 -13.81
N VAL A 178 3.83 -4.20 -13.50
CA VAL A 178 3.97 -4.59 -12.11
C VAL A 178 5.44 -4.73 -11.70
N GLY A 179 5.69 -4.60 -10.41
CA GLY A 179 7.03 -4.61 -9.88
C GLY A 179 7.32 -3.32 -9.13
N THR A 180 8.60 -2.98 -9.02
CA THR A 180 9.01 -1.71 -8.41
C THR A 180 9.75 -0.91 -9.47
N PRO A 181 9.31 0.34 -9.72
CA PRO A 181 9.70 1.17 -10.87
C PRO A 181 11.18 1.12 -11.20
N TYR A 182 12.02 1.38 -10.21
CA TYR A 182 13.46 1.47 -10.41
C TYR A 182 14.08 0.16 -10.88
N TRP A 183 13.41 -0.96 -10.60
CA TRP A 183 13.92 -2.27 -10.99
C TRP A 183 13.21 -2.84 -12.24
N MET A 184 12.23 -2.12 -12.77
CA MET A 184 11.45 -2.63 -13.90
C MET A 184 12.16 -2.53 -15.25
N ALA A 185 12.12 -3.62 -16.01
CA ALA A 185 12.63 -3.67 -17.37
C ALA A 185 11.80 -2.75 -18.29
N PRO A 186 12.46 -2.14 -19.28
CA PRO A 186 11.80 -1.22 -20.23
C PRO A 186 10.55 -1.81 -20.87
N GLU A 187 10.60 -3.09 -21.25
CA GLU A 187 9.47 -3.71 -21.91
C GLU A 187 8.27 -3.88 -20.97
N VAL A 188 8.52 -3.91 -19.66
CA VAL A 188 7.45 -3.92 -18.66
C VAL A 188 6.88 -2.52 -18.51
N VAL A 189 7.77 -1.54 -18.41
CA VAL A 189 7.40 -0.13 -18.30
C VAL A 189 6.55 0.33 -19.49
N THR A 190 6.89 -0.18 -20.68
CA THR A 190 6.21 0.23 -21.90
C THR A 190 5.04 -0.68 -22.24
N ARG A 191 4.59 -1.47 -21.27
CA ARG A 191 3.43 -2.33 -21.41
C ARG A 191 3.49 -3.22 -22.67
N LYS A 192 4.67 -3.73 -22.98
CA LYS A 192 4.83 -4.65 -24.10
C LYS A 192 4.75 -6.10 -23.63
N ALA A 193 4.76 -7.02 -24.58
CA ALA A 193 4.74 -8.44 -24.24
C ALA A 193 6.09 -8.87 -23.70
N TYR A 194 6.15 -9.19 -22.41
CA TYR A 194 7.41 -9.56 -21.79
C TYR A 194 7.38 -10.97 -21.21
N GLY A 195 8.57 -11.48 -20.88
CA GLY A 195 8.70 -12.81 -20.32
C GLY A 195 9.63 -12.84 -19.12
N PRO A 196 10.10 -14.04 -18.76
CA PRO A 196 10.94 -14.26 -17.58
C PRO A 196 12.21 -13.40 -17.54
N LYS A 197 12.69 -12.95 -18.68
CA LYS A 197 13.93 -12.19 -18.74
C LYS A 197 13.81 -10.81 -18.10
N VAL A 198 12.60 -10.44 -17.70
CA VAL A 198 12.43 -9.20 -16.96
C VAL A 198 13.09 -9.33 -15.60
N ASP A 199 13.11 -10.55 -15.07
CA ASP A 199 13.77 -10.83 -13.81
C ASP A 199 15.26 -10.63 -13.95
N ILE A 200 15.78 -10.96 -15.13
CA ILE A 200 17.20 -10.81 -15.40
C ILE A 200 17.59 -9.34 -15.44
N TRP A 201 16.72 -8.52 -16.04
CA TRP A 201 16.93 -7.08 -16.05
C TRP A 201 16.96 -6.55 -14.63
N SER A 202 16.05 -7.06 -13.80
CA SER A 202 15.93 -6.60 -12.43
C SER A 202 17.11 -7.05 -11.58
N LEU A 203 17.68 -8.22 -11.91
CA LEU A 203 18.89 -8.68 -11.25
C LEU A 203 20.03 -7.72 -11.55
N GLY A 204 20.13 -7.33 -12.82
CA GLY A 204 21.10 -6.37 -13.29
C GLY A 204 21.03 -5.06 -12.52
N ILE A 205 19.83 -4.57 -12.29
CA ILE A 205 19.65 -3.35 -11.50
C ILE A 205 20.07 -3.59 -10.05
N MET A 206 19.82 -4.80 -9.56
CA MET A 206 20.22 -5.14 -8.19
C MET A 206 21.75 -5.18 -8.09
N ALA A 207 22.42 -5.64 -9.14
CA ALA A 207 23.88 -5.64 -9.18
C ALA A 207 24.41 -4.20 -9.16
N ILE A 208 23.66 -3.30 -9.78
CA ILE A 208 23.99 -1.87 -9.73
C ILE A 208 23.82 -1.35 -8.30
N GLU A 209 22.80 -1.84 -7.59
CA GLU A 209 22.70 -1.56 -6.16
C GLU A 209 23.97 -1.98 -5.40
N MET A 210 24.45 -3.18 -5.70
CA MET A 210 25.58 -3.73 -4.98
C MET A 210 26.84 -2.93 -5.24
N ILE A 211 26.95 -2.39 -6.45
CA ILE A 211 28.05 -1.51 -6.85
C ILE A 211 27.95 -0.11 -6.27
N GLU A 212 26.81 0.55 -6.50
CA GLU A 212 26.68 1.99 -6.23
C GLU A 212 25.88 2.33 -4.99
N GLY A 213 25.16 1.37 -4.44
CA GLY A 213 24.40 1.60 -3.22
C GLY A 213 22.91 1.75 -3.47
N GLU A 214 22.54 2.13 -4.69
CA GLU A 214 21.14 2.28 -5.02
C GLU A 214 20.88 2.04 -6.52
N PRO A 215 19.62 1.76 -6.89
CA PRO A 215 19.32 1.64 -8.31
C PRO A 215 19.45 2.98 -9.02
N PRO A 216 19.60 2.97 -10.34
CA PRO A 216 19.57 4.21 -11.12
C PRO A 216 18.30 5.02 -10.84
N TYR A 217 18.44 6.35 -10.85
CA TYR A 217 17.30 7.28 -10.78
C TYR A 217 16.60 7.33 -9.43
N LEU A 218 17.18 6.72 -8.39
CA LEU A 218 16.50 6.63 -7.10
C LEU A 218 16.17 8.01 -6.52
N ASN A 219 17.00 9.00 -6.83
CA ASN A 219 16.73 10.37 -6.36
C ASN A 219 15.52 10.98 -7.06
N GLU A 220 15.15 10.45 -8.22
CA GLU A 220 13.94 10.88 -8.93
C GLU A 220 12.69 10.27 -8.31
N ASN A 221 11.54 10.84 -8.63
CA ASN A 221 10.26 10.26 -8.20
C ASN A 221 9.98 9.02 -9.06
N PRO A 222 9.18 8.08 -8.53
CA PRO A 222 8.89 6.82 -9.24
C PRO A 222 8.41 6.99 -10.68
N LEU A 223 7.58 8.01 -10.95
CA LEU A 223 7.09 8.24 -12.30
C LEU A 223 8.18 8.77 -13.22
N ARG A 224 8.97 9.71 -12.71
CA ARG A 224 10.11 10.22 -13.46
C ARG A 224 11.07 9.08 -13.79
N ALA A 225 11.23 8.15 -12.86
CA ALA A 225 12.08 6.98 -13.08
C ALA A 225 11.50 6.10 -14.18
N LEU A 226 10.18 5.92 -14.16
CA LEU A 226 9.47 5.16 -15.19
C LEU A 226 9.70 5.75 -16.57
N TYR A 227 9.61 7.07 -16.66
CA TYR A 227 9.85 7.76 -17.92
C TYR A 227 11.31 7.66 -18.32
N LEU A 228 12.21 7.84 -17.36
CA LEU A 228 13.65 7.75 -17.61
C LEU A 228 14.03 6.38 -18.15
N ILE A 229 13.50 5.33 -17.54
CA ILE A 229 13.73 3.97 -18.02
C ILE A 229 13.18 3.79 -19.42
N ALA A 230 12.02 4.39 -19.67
CA ALA A 230 11.36 4.29 -20.97
C ALA A 230 12.16 4.95 -22.10
N THR A 231 12.89 6.01 -21.79
CA THR A 231 13.58 6.77 -22.83
C THR A 231 15.12 6.73 -22.77
N ASN A 232 15.67 5.98 -21.81
CA ASN A 232 17.12 5.81 -21.71
C ASN A 232 17.58 4.39 -22.04
N GLY A 233 16.74 3.42 -21.72
CA GLY A 233 17.08 2.03 -21.93
C GLY A 233 18.08 1.51 -20.91
N THR A 234 19.29 1.20 -21.37
CA THR A 234 20.33 0.67 -20.50
C THR A 234 20.97 1.78 -19.65
N PRO A 235 20.87 1.65 -18.33
CA PRO A 235 21.39 2.68 -17.41
C PRO A 235 22.92 2.70 -17.35
N GLU A 236 23.49 3.86 -17.04
CA GLU A 236 24.94 4.01 -17.02
C GLU A 236 25.50 3.95 -15.60
N LEU A 237 26.67 3.33 -15.45
CA LEU A 237 27.37 3.35 -14.18
C LEU A 237 28.00 4.71 -14.00
N GLN A 238 28.05 5.18 -12.76
CA GLN A 238 28.76 6.42 -12.46
C GLN A 238 30.25 6.24 -12.77
N ASN A 239 30.81 5.12 -12.30
CA ASN A 239 32.24 4.85 -12.44
C ASN A 239 32.57 3.47 -13.00
N PRO A 240 32.28 3.24 -14.29
CA PRO A 240 32.47 1.95 -14.96
C PRO A 240 33.89 1.44 -14.81
N GLU A 241 34.85 2.37 -14.81
CA GLU A 241 36.27 2.06 -14.76
C GLU A 241 36.65 1.30 -13.49
N LYS A 242 35.85 1.45 -12.43
CA LYS A 242 36.10 0.73 -11.19
C LYS A 242 35.91 -0.79 -11.36
N LEU A 243 35.17 -1.19 -12.38
CA LEU A 243 34.80 -2.60 -12.55
C LEU A 243 35.70 -3.34 -13.51
N SER A 244 35.90 -4.63 -13.25
CA SER A 244 36.61 -5.49 -14.18
C SER A 244 35.84 -5.63 -15.48
N ALA A 245 36.54 -6.03 -16.55
CA ALA A 245 35.91 -6.23 -17.84
C ALA A 245 34.89 -7.36 -17.78
N ILE A 246 35.16 -8.38 -16.99
CA ILE A 246 34.27 -9.53 -16.92
C ILE A 246 33.00 -9.18 -16.14
N PHE A 247 33.11 -8.32 -15.14
CA PHE A 247 31.95 -7.85 -14.39
C PHE A 247 31.08 -6.99 -15.30
N ARG A 248 31.72 -6.06 -16.03
CA ARG A 248 30.98 -5.16 -16.90
C ARG A 248 30.23 -5.94 -17.98
N ASP A 249 30.84 -7.01 -18.48
CA ASP A 249 30.21 -7.83 -19.50
C ASP A 249 28.99 -8.56 -18.92
N PHE A 250 29.13 -9.10 -17.72
CA PHE A 250 28.01 -9.72 -17.02
C PHE A 250 26.86 -8.73 -16.88
N LEU A 251 27.21 -7.49 -16.55
CA LEU A 251 26.22 -6.41 -16.41
C LEU A 251 25.50 -6.14 -17.72
N ASN A 252 26.28 -6.00 -18.80
CA ASN A 252 25.73 -5.69 -20.11
C ASN A 252 24.70 -6.71 -20.59
N ARG A 253 24.90 -7.97 -20.20
CA ARG A 253 24.04 -9.05 -20.67
C ARG A 253 22.79 -9.18 -19.78
N CYS A 254 22.86 -8.64 -18.58
CA CYS A 254 21.68 -8.52 -17.73
C CYS A 254 20.82 -7.33 -18.16
N LEU A 255 21.49 -6.26 -18.57
CA LEU A 255 20.81 -5.00 -18.84
C LEU A 255 20.70 -4.70 -20.33
N GLU A 256 20.64 -5.74 -21.14
CA GLU A 256 20.49 -5.57 -22.58
C GLU A 256 19.05 -5.19 -22.95
N MET A 257 18.91 -4.10 -23.71
CA MET A 257 17.60 -3.64 -24.17
C MET A 257 16.89 -4.71 -24.99
N ASP A 258 17.60 -5.22 -26.00
CA ASP A 258 17.08 -6.30 -26.83
C ASP A 258 16.85 -7.53 -25.97
N VAL A 259 15.58 -7.85 -25.74
CA VAL A 259 15.19 -8.99 -24.90
C VAL A 259 15.78 -10.30 -25.44
N GLU A 260 15.93 -10.38 -26.75
CA GLU A 260 16.52 -11.56 -27.37
C GLU A 260 18.02 -11.68 -27.06
N LYS A 261 18.71 -10.54 -27.00
CA LYS A 261 20.14 -10.52 -26.74
C LYS A 261 20.44 -10.63 -25.24
N ARG A 262 19.48 -10.25 -24.41
CA ARG A 262 19.63 -10.33 -22.96
C ARG A 262 19.76 -11.80 -22.55
N GLY A 263 20.62 -12.07 -21.58
CA GLY A 263 20.85 -13.43 -21.14
C GLY A 263 19.70 -14.02 -20.36
N SER A 264 19.55 -15.33 -20.44
CA SER A 264 18.62 -16.05 -19.59
C SER A 264 19.34 -16.42 -18.30
N ALA A 265 18.59 -16.87 -17.31
CA ALA A 265 19.18 -17.27 -16.04
C ALA A 265 20.13 -18.43 -16.26
N LYS A 266 19.76 -19.31 -17.18
CA LYS A 266 20.54 -20.50 -17.48
C LYS A 266 21.92 -20.17 -18.04
N GLU A 267 21.96 -19.31 -19.04
CA GLU A 267 23.23 -19.04 -19.73
C GLU A 267 24.08 -18.06 -18.93
N LEU A 268 23.43 -17.23 -18.11
CA LEU A 268 24.18 -16.32 -17.25
C LEU A 268 24.88 -17.06 -16.11
N LEU A 269 24.31 -18.20 -15.70
CA LEU A 269 24.95 -19.02 -14.68
C LEU A 269 26.31 -19.55 -15.13
N GLN A 270 26.53 -19.54 -16.44
CA GLN A 270 27.77 -20.03 -17.03
C GLN A 270 28.76 -18.90 -17.30
N HIS A 271 28.39 -17.69 -16.92
CA HIS A 271 29.23 -16.52 -17.19
C HIS A 271 30.51 -16.54 -16.36
N GLN A 272 31.61 -16.13 -16.98
CA GLN A 272 32.92 -16.15 -16.33
C GLN A 272 32.99 -15.32 -15.06
N PHE A 273 32.07 -14.36 -14.94
CA PHE A 273 32.05 -13.48 -13.77
C PHE A 273 31.76 -14.26 -12.49
N LEU A 274 30.87 -15.24 -12.60
CA LEU A 274 30.49 -16.03 -11.42
C LEU A 274 31.63 -16.94 -10.96
N LYS A 275 32.66 -17.11 -11.79
CA LYS A 275 33.76 -18.00 -11.47
C LYS A 275 34.71 -17.38 -10.44
N ILE A 276 34.59 -16.08 -10.24
CA ILE A 276 35.40 -15.39 -9.24
C ILE A 276 34.61 -15.15 -7.95
N ALA A 277 33.47 -15.81 -7.83
CA ALA A 277 32.64 -15.71 -6.63
C ALA A 277 33.35 -16.24 -5.40
N LYS A 278 33.16 -15.57 -4.27
CA LYS A 278 33.72 -16.02 -3.00
C LYS A 278 32.75 -16.99 -2.34
N PRO A 279 33.22 -17.74 -1.33
CA PRO A 279 32.27 -18.55 -0.55
C PRO A 279 31.27 -17.62 0.11
N LEU A 280 30.08 -18.13 0.40
CA LEU A 280 29.03 -17.32 0.99
C LEU A 280 29.40 -16.82 2.38
N SER A 281 30.39 -17.48 2.99
CA SER A 281 30.92 -17.06 4.28
C SER A 281 31.60 -15.68 4.19
N SER A 282 32.02 -15.30 2.99
CA SER A 282 32.59 -13.97 2.80
C SER A 282 31.55 -12.88 2.94
N LEU A 283 30.28 -13.27 3.09
CA LEU A 283 29.20 -12.31 3.22
C LEU A 283 28.90 -11.96 4.69
N THR A 284 29.31 -12.81 5.61
CA THR A 284 29.00 -12.57 7.02
C THR A 284 29.68 -11.30 7.58
N PRO A 285 30.89 -10.93 7.10
CA PRO A 285 31.37 -9.62 7.58
C PRO A 285 30.56 -8.45 7.05
N LEU A 286 29.97 -8.59 5.87
CA LEU A 286 29.07 -7.55 5.34
C LEU A 286 27.81 -7.45 6.19
N ILE A 287 27.28 -8.61 6.57
CA ILE A 287 26.10 -8.68 7.43
C ILE A 287 26.36 -8.01 8.78
N ALA A 288 27.51 -8.33 9.39
CA ALA A 288 27.87 -7.72 10.67
C ALA A 288 28.03 -6.20 10.53
N ALA A 289 28.64 -5.75 9.44
CA ALA A 289 28.81 -4.33 9.19
C ALA A 289 27.45 -3.63 9.00
N ALA A 290 26.58 -4.24 8.20
CA ALA A 290 25.24 -3.69 7.99
C ALA A 290 24.47 -3.60 9.31
N LYS A 291 24.58 -4.63 10.14
CA LYS A 291 23.91 -4.64 11.44
C LYS A 291 24.46 -3.54 12.34
N GLU A 292 25.79 -3.37 12.31
CA GLU A 292 26.42 -2.30 13.07
C GLU A 292 25.99 -0.93 12.55
N ALA A 293 25.85 -0.82 11.23
CA ALA A 293 25.58 0.46 10.58
C ALA A 293 24.17 0.98 10.83
N THR A 294 23.22 0.05 10.97
CA THR A 294 21.82 0.42 11.13
C THR A 294 21.34 0.31 12.59
N LYS A 295 22.27 0.06 13.50
CA LYS A 295 21.95 -0.12 14.91
C LYS A 295 21.33 1.16 15.49
N GLU B 8 0.56 13.04 31.81
CA GLU B 8 -0.11 14.15 32.48
C GLU B 8 -0.68 15.14 31.47
N LYS B 9 -0.05 15.22 30.31
CA LYS B 9 -0.58 16.02 29.20
C LYS B 9 -1.90 15.43 28.75
N LEU B 10 -2.02 14.11 28.90
CA LEU B 10 -3.25 13.39 28.61
C LEU B 10 -4.30 13.63 29.69
N ARG B 11 -3.89 13.50 30.94
CA ARG B 11 -4.79 13.61 32.09
C ARG B 11 -5.52 14.95 32.14
N SER B 12 -4.92 15.98 31.54
CA SER B 12 -5.54 17.29 31.46
C SER B 12 -6.71 17.30 30.49
N ILE B 13 -6.57 16.55 29.41
CA ILE B 13 -7.58 16.51 28.35
C ILE B 13 -8.73 15.56 28.66
N VAL B 14 -8.39 14.29 28.87
CA VAL B 14 -9.39 13.25 29.11
C VAL B 14 -10.26 13.60 30.31
N SER B 15 -11.52 13.19 30.24
CA SER B 15 -12.46 13.48 31.31
C SER B 15 -12.31 12.47 32.44
N VAL B 16 -12.90 12.80 33.58
CA VAL B 16 -12.99 11.86 34.69
C VAL B 16 -14.19 10.94 34.46
N GLY B 17 -14.39 9.99 35.37
CA GLY B 17 -15.51 9.08 35.25
C GLY B 17 -15.14 7.79 34.56
N ASP B 18 -15.90 6.74 34.86
CA ASP B 18 -15.66 5.43 34.31
C ASP B 18 -16.54 5.20 33.09
N PRO B 19 -15.92 5.12 31.89
CA PRO B 19 -16.66 4.94 30.64
C PRO B 19 -17.39 3.60 30.60
N LYS B 20 -16.91 2.63 31.36
CA LYS B 20 -17.57 1.34 31.47
C LYS B 20 -18.93 1.50 32.16
N LYS B 21 -19.08 2.58 32.91
CA LYS B 21 -20.33 2.86 33.62
C LYS B 21 -21.26 3.76 32.80
N LYS B 22 -20.69 4.71 32.08
CA LYS B 22 -21.47 5.70 31.33
C LYS B 22 -22.06 5.14 30.04
N TYR B 23 -21.40 4.13 29.48
CA TYR B 23 -21.84 3.52 28.23
C TYR B 23 -22.16 2.04 28.39
N THR B 24 -22.99 1.53 27.49
CA THR B 24 -23.33 0.10 27.52
C THR B 24 -23.57 -0.42 26.11
N ARG B 25 -23.76 -1.74 26.00
CA ARG B 25 -24.00 -2.41 24.72
C ARG B 25 -22.87 -2.18 23.73
N PHE B 26 -21.64 -2.43 24.17
CA PHE B 26 -20.48 -2.33 23.30
C PHE B 26 -20.53 -3.35 22.17
N GLU B 27 -20.35 -2.88 20.94
CA GLU B 27 -20.39 -3.76 19.77
C GLU B 27 -19.23 -3.48 18.83
N LYS B 28 -18.55 -4.54 18.43
CA LYS B 28 -17.42 -4.49 17.51
C LYS B 28 -17.87 -4.12 16.09
N ILE B 29 -17.43 -2.96 15.59
CA ILE B 29 -17.78 -2.54 14.24
C ILE B 29 -16.56 -2.36 13.35
N GLY B 30 -15.39 -2.19 13.97
CA GLY B 30 -14.17 -1.96 13.21
C GLY B 30 -12.91 -2.28 13.98
N GLN B 31 -11.88 -2.69 13.24
CA GLN B 31 -10.58 -2.99 13.82
C GLN B 31 -9.49 -2.79 12.78
N GLY B 32 -8.33 -2.30 13.23
CA GLY B 32 -7.21 -2.12 12.34
C GLY B 32 -6.35 -0.91 12.65
N ALA B 33 -6.40 0.09 11.77
CA ALA B 33 -5.52 1.25 11.84
C ALA B 33 -5.57 1.95 13.20
N SER B 34 -4.56 1.66 14.01
CA SER B 34 -4.34 2.30 15.32
C SER B 34 -5.41 1.98 16.36
N GLY B 35 -6.13 0.87 16.20
CA GLY B 35 -7.03 0.42 17.24
C GLY B 35 -8.37 -0.17 16.84
N THR B 36 -9.16 -0.52 17.86
CA THR B 36 -10.46 -1.14 17.69
C THR B 36 -11.60 -0.14 17.92
N VAL B 37 -12.59 -0.16 17.04
CA VAL B 37 -13.72 0.77 17.12
C VAL B 37 -15.02 0.07 17.52
N TYR B 38 -15.62 0.54 18.62
CA TYR B 38 -16.91 0.02 19.07
C TYR B 38 -18.02 1.06 18.93
N THR B 39 -19.24 0.59 18.79
CA THR B 39 -20.40 1.43 19.06
C THR B 39 -20.92 1.11 20.45
N ALA B 40 -21.47 2.11 21.12
CA ALA B 40 -22.04 1.94 22.45
C ALA B 40 -23.13 2.97 22.66
N MET B 41 -23.91 2.80 23.73
CA MET B 41 -25.00 3.72 23.99
C MET B 41 -24.76 4.45 25.31
N ASP B 42 -24.99 5.77 25.31
CA ASP B 42 -24.94 6.54 26.54
C ASP B 42 -26.07 6.02 27.43
N VAL B 43 -25.70 5.52 28.60
CA VAL B 43 -26.63 4.87 29.53
C VAL B 43 -27.72 5.81 30.05
N ALA B 44 -27.40 7.11 30.07
CA ALA B 44 -28.33 8.10 30.62
C ALA B 44 -29.20 8.80 29.57
N THR B 45 -28.71 8.91 28.33
CA THR B 45 -29.41 9.68 27.30
C THR B 45 -29.93 8.82 26.15
N GLY B 46 -29.33 7.66 25.95
CA GLY B 46 -29.70 6.80 24.84
C GLY B 46 -28.94 7.08 23.55
N GLN B 47 -28.14 8.14 23.56
CA GLN B 47 -27.31 8.48 22.41
C GLN B 47 -26.33 7.36 22.08
N GLU B 48 -26.27 6.98 20.81
CA GLU B 48 -25.28 6.02 20.36
C GLU B 48 -24.01 6.76 19.94
N VAL B 49 -22.87 6.23 20.35
CA VAL B 49 -21.58 6.84 20.03
C VAL B 49 -20.60 5.86 19.41
N ALA B 50 -19.54 6.39 18.83
CA ALA B 50 -18.45 5.58 18.33
C ALA B 50 -17.24 5.75 19.25
N ILE B 51 -16.71 4.63 19.74
CA ILE B 51 -15.61 4.70 20.69
C ILE B 51 -14.37 4.01 20.14
N LYS B 52 -13.31 4.80 19.94
CA LYS B 52 -12.05 4.26 19.45
C LYS B 52 -11.17 3.85 20.63
N GLN B 53 -10.74 2.59 20.62
CA GLN B 53 -10.03 2.00 21.75
C GLN B 53 -8.55 1.79 21.42
N MET B 54 -7.69 2.57 22.06
CA MET B 54 -6.26 2.57 21.74
C MET B 54 -5.36 2.26 22.93
N ASN B 55 -4.67 1.13 22.87
CA ASN B 55 -3.61 0.83 23.82
C ASN B 55 -2.40 1.71 23.52
N LEU B 56 -2.18 2.74 24.33
CA LEU B 56 -1.12 3.69 24.02
C LEU B 56 0.27 3.08 24.22
N GLN B 57 0.63 2.79 25.48
CA GLN B 57 2.00 2.48 25.86
C GLN B 57 2.61 1.24 25.20
N GLN B 58 3.54 1.45 24.26
CA GLN B 58 3.87 2.78 23.77
C GLN B 58 4.13 2.76 22.26
N GLN B 59 3.38 3.59 21.54
CA GLN B 59 3.69 3.88 20.15
C GLN B 59 4.41 5.22 20.11
N PRO B 60 5.41 5.35 19.21
CA PRO B 60 6.10 6.62 19.09
C PRO B 60 5.14 7.72 18.62
N LYS B 61 5.58 8.97 18.73
CA LYS B 61 4.74 10.13 18.43
C LYS B 61 3.45 10.10 19.22
N LYS B 62 3.57 9.80 20.51
CA LYS B 62 2.46 9.92 21.43
C LYS B 62 2.05 11.38 21.48
N GLU B 63 3.05 12.26 21.45
CA GLU B 63 2.84 13.71 21.41
C GLU B 63 1.91 14.12 20.27
N LEU B 64 1.98 13.40 19.15
CA LEU B 64 1.13 13.66 18.00
C LEU B 64 -0.33 13.38 18.32
N ILE B 65 -0.60 12.20 18.86
CA ILE B 65 -1.95 11.77 19.18
C ILE B 65 -2.63 12.73 20.16
N ILE B 66 -1.87 13.21 21.14
CA ILE B 66 -2.37 14.19 22.10
C ILE B 66 -2.83 15.46 21.37
N ASN B 67 -1.98 15.97 20.48
CA ASN B 67 -2.29 17.16 19.72
C ASN B 67 -3.46 16.94 18.76
N GLU B 68 -3.46 15.79 18.09
CA GLU B 68 -4.54 15.39 17.20
C GLU B 68 -5.89 15.57 17.89
N ILE B 69 -6.02 14.96 19.06
CA ILE B 69 -7.20 15.06 19.88
C ILE B 69 -7.47 16.51 20.29
N LEU B 70 -6.41 17.21 20.69
CA LEU B 70 -6.52 18.61 21.07
C LEU B 70 -7.06 19.44 19.92
N VAL B 71 -6.65 19.09 18.71
CA VAL B 71 -7.15 19.76 17.51
C VAL B 71 -8.62 19.43 17.32
N MET B 72 -8.97 18.15 17.44
CA MET B 72 -10.34 17.70 17.24
C MET B 72 -11.29 18.31 18.25
N ARG B 73 -10.85 18.42 19.50
CA ARG B 73 -11.74 18.90 20.57
C ARG B 73 -12.10 20.38 20.41
N GLU B 74 -11.17 21.17 19.91
CA GLU B 74 -11.40 22.60 19.75
C GLU B 74 -12.02 22.92 18.40
N ASN B 75 -11.71 22.11 17.40
CA ASN B 75 -12.16 22.38 16.04
C ASN B 75 -13.29 21.44 15.60
N LYS B 76 -14.48 21.69 16.15
CA LYS B 76 -15.67 20.96 15.76
C LYS B 76 -16.33 21.61 14.53
N ASN B 77 -17.10 20.81 13.79
CA ASN B 77 -17.85 21.30 12.63
C ASN B 77 -18.97 20.30 12.32
N PRO B 78 -20.16 20.82 11.96
CA PRO B 78 -21.31 19.94 11.71
C PRO B 78 -21.05 18.91 10.60
N ASN B 79 -20.11 19.20 9.69
CA ASN B 79 -19.87 18.27 8.59
C ASN B 79 -18.66 17.37 8.76
N ILE B 80 -18.12 17.28 9.98
CA ILE B 80 -17.12 16.26 10.27
C ILE B 80 -17.61 15.41 11.42
N VAL B 81 -17.09 14.19 11.53
CA VAL B 81 -17.37 13.36 12.68
C VAL B 81 -16.66 13.97 13.88
N ASN B 82 -17.44 14.50 14.82
CA ASN B 82 -16.87 15.29 15.91
C ASN B 82 -16.46 14.49 17.14
N TYR B 83 -15.34 14.90 17.72
CA TYR B 83 -14.91 14.45 19.02
C TYR B 83 -15.96 14.79 20.06
N LEU B 84 -16.28 13.84 20.93
CA LEU B 84 -17.21 14.09 22.04
C LEU B 84 -16.47 14.07 23.37
N ASP B 85 -15.62 13.05 23.58
CA ASP B 85 -14.92 12.91 24.84
C ASP B 85 -13.77 11.92 24.72
N SER B 86 -12.97 11.83 25.77
CA SER B 86 -11.87 10.86 25.82
C SER B 86 -11.66 10.34 27.23
N TYR B 87 -11.10 9.14 27.33
CA TYR B 87 -10.91 8.49 28.63
C TYR B 87 -9.62 7.68 28.66
N LEU B 88 -8.96 7.70 29.81
CA LEU B 88 -7.83 6.81 30.05
C LEU B 88 -8.34 5.57 30.78
N VAL B 89 -8.26 4.43 30.12
CA VAL B 89 -8.79 3.20 30.70
C VAL B 89 -7.70 2.13 30.81
N GLY B 90 -6.99 2.13 31.93
CA GLY B 90 -5.95 1.16 32.19
C GLY B 90 -4.88 1.09 31.10
N ASP B 91 -4.08 2.14 30.99
CA ASP B 91 -3.03 2.25 29.99
C ASP B 91 -3.58 2.25 28.56
N GLU B 92 -4.90 2.32 28.44
CA GLU B 92 -5.55 2.49 27.15
C GLU B 92 -6.23 3.85 27.08
N LEU B 93 -6.20 4.44 25.90
CA LEU B 93 -6.94 5.68 25.66
C LEU B 93 -8.20 5.39 24.87
N TRP B 94 -9.34 5.79 25.40
CA TRP B 94 -10.61 5.68 24.67
C TRP B 94 -11.04 7.05 24.17
N VAL B 95 -11.32 7.15 22.88
CA VAL B 95 -11.82 8.39 22.31
C VAL B 95 -13.26 8.20 21.84
N VAL B 96 -14.17 9.00 22.38
CA VAL B 96 -15.59 8.88 22.03
C VAL B 96 -15.99 9.85 20.92
N MET B 97 -16.45 9.30 19.79
CA MET B 97 -16.91 10.10 18.66
C MET B 97 -18.39 9.91 18.39
N GLU B 98 -19.02 10.91 17.78
CA GLU B 98 -20.42 10.78 17.43
C GLU B 98 -20.61 9.67 16.39
N TYR B 99 -21.74 8.97 16.47
CA TYR B 99 -21.95 7.82 15.59
C TYR B 99 -22.96 8.12 14.49
N LEU B 100 -22.63 7.74 13.27
CA LEU B 100 -23.54 7.92 12.13
C LEU B 100 -23.99 6.56 11.61
N ALA B 101 -25.27 6.26 11.79
CA ALA B 101 -25.78 4.91 11.59
C ALA B 101 -25.96 4.50 10.13
N GLY B 102 -26.06 5.47 9.23
CA GLY B 102 -26.32 5.18 7.83
C GLY B 102 -25.16 4.59 7.04
N GLY B 103 -23.99 4.54 7.65
CA GLY B 103 -22.84 3.95 6.97
C GLY B 103 -22.20 4.81 5.90
N SER B 104 -21.34 4.20 5.10
CA SER B 104 -20.46 4.91 4.18
C SER B 104 -21.14 5.33 2.89
N LEU B 105 -20.58 6.33 2.23
CA LEU B 105 -21.04 6.73 0.91
C LEU B 105 -20.76 5.62 -0.09
N THR B 106 -19.70 4.84 0.18
CA THR B 106 -19.31 3.77 -0.72
C THR B 106 -20.44 2.78 -0.95
N ASP B 107 -21.19 2.47 0.10
CA ASP B 107 -22.30 1.53 0.00
C ASP B 107 -23.44 2.11 -0.83
N VAL B 108 -23.81 3.35 -0.54
CA VAL B 108 -24.85 4.04 -1.31
C VAL B 108 -24.48 4.05 -2.78
N VAL B 109 -23.23 4.39 -3.08
CA VAL B 109 -22.75 4.49 -4.45
C VAL B 109 -22.84 3.17 -5.21
N THR B 110 -22.54 2.05 -4.55
CA THR B 110 -22.51 0.76 -5.24
C THR B 110 -23.89 0.08 -5.35
N GLU B 111 -24.82 0.45 -4.47
CA GLU B 111 -26.09 -0.27 -4.39
C GLU B 111 -27.29 0.53 -4.90
N THR B 112 -27.06 1.78 -5.27
CA THR B 112 -28.12 2.64 -5.82
C THR B 112 -27.56 3.43 -7.00
N CYS B 113 -28.43 4.12 -7.73
CA CYS B 113 -27.96 5.10 -8.70
C CYS B 113 -28.41 6.49 -8.26
N MET B 114 -27.46 7.28 -7.77
CA MET B 114 -27.74 8.63 -7.30
C MET B 114 -28.10 9.55 -8.46
N ASP B 115 -29.06 10.46 -8.26
CA ASP B 115 -29.32 11.47 -9.28
C ASP B 115 -28.49 12.71 -8.96
N GLU B 116 -28.45 13.65 -9.90
CA GLU B 116 -27.56 14.81 -9.79
C GLU B 116 -27.94 15.69 -8.60
N GLY B 117 -29.21 15.70 -8.24
CA GLY B 117 -29.68 16.43 -7.08
C GLY B 117 -29.13 15.89 -5.77
N GLN B 118 -29.00 14.56 -5.67
CA GLN B 118 -28.47 13.92 -4.47
C GLN B 118 -26.95 14.10 -4.42
N ILE B 119 -26.33 14.04 -5.58
CA ILE B 119 -24.88 14.18 -5.67
C ILE B 119 -24.48 15.60 -5.33
N ALA B 120 -25.21 16.57 -5.86
CA ALA B 120 -24.99 17.98 -5.53
C ALA B 120 -25.11 18.20 -4.02
N ALA B 121 -26.03 17.48 -3.39
CA ALA B 121 -26.24 17.61 -1.96
C ALA B 121 -25.02 17.09 -1.18
N VAL B 122 -24.46 15.99 -1.64
CA VAL B 122 -23.30 15.40 -0.96
C VAL B 122 -22.08 16.28 -1.17
N CYS B 123 -21.94 16.78 -2.39
CA CYS B 123 -20.85 17.65 -2.75
C CYS B 123 -20.85 18.94 -1.92
N ARG B 124 -22.03 19.53 -1.72
CA ARG B 124 -22.09 20.75 -0.91
C ARG B 124 -21.67 20.49 0.54
N GLU B 125 -22.22 19.44 1.15
CA GLU B 125 -21.88 19.13 2.54
C GLU B 125 -20.37 18.87 2.69
N CYS B 126 -19.81 18.10 1.76
CA CYS B 126 -18.37 17.83 1.75
C CYS B 126 -17.53 19.12 1.59
N LEU B 127 -17.96 20.00 0.71
CA LEU B 127 -17.25 21.27 0.48
C LEU B 127 -17.27 22.18 1.71
N GLN B 128 -18.35 22.08 2.49
CA GLN B 128 -18.45 22.84 3.73
C GLN B 128 -17.45 22.32 4.77
N ALA B 129 -17.23 21.00 4.79
CA ALA B 129 -16.22 20.44 5.68
C ALA B 129 -14.83 20.87 5.21
N LEU B 130 -14.63 20.85 3.90
CA LEU B 130 -13.33 21.19 3.31
C LEU B 130 -13.00 22.67 3.53
N GLU B 131 -13.99 23.54 3.34
CA GLU B 131 -13.79 24.95 3.63
C GLU B 131 -13.36 25.13 5.09
N PHE B 132 -14.03 24.43 5.99
CA PHE B 132 -13.71 24.47 7.40
C PHE B 132 -12.27 24.03 7.66
N LEU B 133 -11.89 22.90 7.07
CA LEU B 133 -10.56 22.35 7.28
C LEU B 133 -9.48 23.26 6.70
N HIS B 134 -9.66 23.63 5.44
CA HIS B 134 -8.70 24.46 4.73
C HIS B 134 -8.51 25.82 5.37
N SER B 135 -9.59 26.36 5.95
CA SER B 135 -9.48 27.61 6.67
C SER B 135 -8.60 27.41 7.90
N ASN B 136 -8.75 26.24 8.55
CA ASN B 136 -7.93 25.90 9.70
C ASN B 136 -6.62 25.24 9.29
N GLN B 137 -6.26 25.41 8.02
CA GLN B 137 -4.97 24.95 7.47
C GLN B 137 -4.73 23.45 7.59
N VAL B 138 -5.80 22.66 7.57
CA VAL B 138 -5.68 21.21 7.54
C VAL B 138 -5.93 20.69 6.13
N ILE B 139 -5.11 19.73 5.69
CA ILE B 139 -5.34 19.04 4.44
C ILE B 139 -5.75 17.60 4.76
N HIS B 140 -6.91 17.18 4.24
CA HIS B 140 -7.45 15.87 4.56
C HIS B 140 -6.64 14.75 3.89
N ARG B 141 -6.38 14.90 2.58
CA ARG B 141 -5.60 13.96 1.76
C ARG B 141 -6.32 12.65 1.41
N ASN B 142 -7.41 12.34 2.11
CA ASN B 142 -8.10 11.08 1.86
C ASN B 142 -9.60 11.28 1.66
N ILE B 143 -9.94 12.25 0.82
CA ILE B 143 -11.33 12.45 0.43
C ILE B 143 -11.74 11.36 -0.54
N LYS B 144 -12.49 10.39 -0.02
CA LYS B 144 -13.05 9.34 -0.85
C LYS B 144 -14.33 8.78 -0.20
N SER B 145 -15.07 7.94 -0.92
CA SER B 145 -16.43 7.61 -0.49
C SER B 145 -16.51 6.88 0.85
N ASP B 146 -15.52 6.05 1.19
CA ASP B 146 -15.61 5.33 2.45
C ASP B 146 -15.23 6.20 3.65
N ASN B 147 -14.80 7.43 3.40
CA ASN B 147 -14.54 8.37 4.48
C ASN B 147 -15.68 9.36 4.62
N ILE B 148 -16.72 9.15 3.83
CA ILE B 148 -17.94 9.92 3.97
C ILE B 148 -18.98 9.11 4.70
N LEU B 149 -19.47 9.63 5.81
CA LEU B 149 -20.47 8.93 6.58
C LEU B 149 -21.82 9.65 6.50
N LEU B 150 -22.88 8.86 6.50
CA LEU B 150 -24.24 9.36 6.41
C LEU B 150 -25.02 9.05 7.69
N GLY B 151 -25.70 10.06 8.22
CA GLY B 151 -26.59 9.83 9.34
C GLY B 151 -27.91 9.28 8.83
N MET B 152 -28.70 8.70 9.72
CA MET B 152 -30.01 8.16 9.33
C MET B 152 -30.92 9.27 8.81
N ASP B 153 -30.70 10.49 9.28
CA ASP B 153 -31.45 11.66 8.83
C ASP B 153 -30.91 12.25 7.52
N GLY B 154 -29.90 11.62 6.94
CA GLY B 154 -29.36 12.09 5.67
C GLY B 154 -28.21 13.09 5.78
N SER B 155 -27.78 13.36 7.01
CA SER B 155 -26.67 14.27 7.21
C SER B 155 -25.39 13.65 6.67
N VAL B 156 -24.41 14.50 6.35
CA VAL B 156 -23.19 14.07 5.68
C VAL B 156 -21.96 14.53 6.44
N LYS B 157 -21.08 13.60 6.79
CA LYS B 157 -19.91 13.93 7.60
C LYS B 157 -18.62 13.28 7.10
N LEU B 158 -17.54 14.06 7.16
CA LEU B 158 -16.19 13.60 6.87
C LEU B 158 -15.57 12.89 8.07
N THR B 159 -14.75 11.88 7.80
CA THR B 159 -13.95 11.27 8.86
C THR B 159 -12.58 10.83 8.33
N ASP B 160 -11.78 10.26 9.22
CA ASP B 160 -10.44 9.75 8.92
C ASP B 160 -9.50 10.85 8.40
N PHE B 161 -9.29 11.87 9.22
CA PHE B 161 -8.28 12.88 8.93
C PHE B 161 -7.42 13.18 10.16
N GLY B 162 -6.24 13.73 9.92
CA GLY B 162 -5.34 14.08 11.00
C GLY B 162 -5.24 15.57 11.22
N GLU B 170 3.35 8.51 4.53
CA GLU B 170 4.26 8.54 3.39
C GLU B 170 4.88 7.17 3.14
N GLN B 171 4.79 6.71 1.89
CA GLN B 171 5.32 5.40 1.52
C GLN B 171 6.68 5.54 0.86
N SER B 172 7.60 4.65 1.22
CA SER B 172 8.95 4.67 0.67
C SER B 172 8.95 4.49 -0.84
N LYS B 173 9.94 5.08 -1.50
CA LYS B 173 10.10 4.94 -2.94
C LYS B 173 10.57 3.53 -3.28
N ARG B 174 11.04 2.81 -2.27
CA ARG B 174 11.53 1.44 -2.45
C ARG B 174 10.39 0.42 -2.43
N SER B 175 9.29 0.77 -1.76
CA SER B 175 8.20 -0.18 -1.53
C SER B 175 7.34 -0.40 -2.75
N THR B 176 6.86 -1.63 -2.91
CA THR B 176 5.96 -1.97 -3.99
C THR B 176 4.54 -1.54 -3.62
N MET B 177 3.90 -0.78 -4.49
CA MET B 177 2.62 -0.19 -4.17
C MET B 177 1.48 -1.19 -4.33
N VAL B 178 0.75 -1.43 -3.23
CA VAL B 178 -0.47 -2.23 -3.28
C VAL B 178 -1.67 -1.30 -3.15
N GLY B 179 -2.71 -1.57 -3.91
CA GLY B 179 -3.87 -0.71 -3.93
C GLY B 179 -3.63 0.56 -4.74
N THR B 180 -4.61 0.93 -5.55
CA THR B 180 -4.51 2.12 -6.38
C THR B 180 -4.97 3.36 -5.62
N PRO B 181 -4.15 4.42 -5.65
CA PRO B 181 -4.53 5.71 -5.05
C PRO B 181 -5.31 6.56 -6.04
N TYR B 182 -6.50 6.09 -6.39
CA TYR B 182 -7.30 6.70 -7.46
C TYR B 182 -7.69 8.15 -7.15
N TRP B 183 -7.76 8.49 -5.87
CA TRP B 183 -8.26 9.80 -5.45
C TRP B 183 -7.18 10.90 -5.42
N MET B 184 -5.92 10.49 -5.52
CA MET B 184 -4.81 11.44 -5.33
C MET B 184 -4.59 12.35 -6.52
N ALA B 185 -4.51 13.65 -6.23
CA ALA B 185 -4.25 14.67 -7.24
C ALA B 185 -2.91 14.42 -7.96
N PRO B 186 -2.77 14.96 -9.18
CA PRO B 186 -1.52 14.84 -9.94
C PRO B 186 -0.29 15.36 -9.20
N GLU B 187 -0.39 16.52 -8.55
CA GLU B 187 0.77 17.11 -7.87
C GLU B 187 1.15 16.34 -6.60
N VAL B 188 0.24 15.48 -6.11
CA VAL B 188 0.56 14.59 -5.00
C VAL B 188 1.29 13.37 -5.56
N VAL B 189 0.76 12.85 -6.65
CA VAL B 189 1.27 11.66 -7.30
C VAL B 189 2.68 11.88 -7.86
N THR B 190 2.96 13.10 -8.29
CA THR B 190 4.29 13.45 -8.78
C THR B 190 5.18 13.96 -7.65
N ARG B 191 4.77 13.67 -6.41
CA ARG B 191 5.54 13.98 -5.21
C ARG B 191 6.03 15.43 -5.15
N LYS B 192 5.23 16.36 -5.66
CA LYS B 192 5.53 17.78 -5.53
C LYS B 192 4.99 18.31 -4.22
N ALA B 193 5.35 19.54 -3.89
CA ALA B 193 4.72 20.23 -2.78
C ALA B 193 3.27 20.51 -3.17
N TYR B 194 2.33 20.36 -2.24
CA TYR B 194 0.93 20.56 -2.56
C TYR B 194 0.14 21.22 -1.43
N GLY B 195 -1.06 21.67 -1.76
CA GLY B 195 -1.90 22.36 -0.80
C GLY B 195 -3.29 21.78 -0.67
N PRO B 196 -4.19 22.53 -0.02
CA PRO B 196 -5.57 22.15 0.27
C PRO B 196 -6.37 21.71 -0.96
N LYS B 197 -5.97 22.19 -2.14
CA LYS B 197 -6.75 21.91 -3.34
C LYS B 197 -6.63 20.46 -3.82
N VAL B 198 -5.75 19.68 -3.22
CA VAL B 198 -5.70 18.26 -3.55
C VAL B 198 -6.99 17.56 -3.10
N ASP B 199 -7.63 18.12 -2.06
CA ASP B 199 -8.91 17.62 -1.58
C ASP B 199 -10.02 17.93 -2.58
N ILE B 200 -9.94 19.10 -3.20
CA ILE B 200 -10.87 19.48 -4.25
C ILE B 200 -10.80 18.47 -5.40
N TRP B 201 -9.57 18.14 -5.79
CA TRP B 201 -9.35 17.10 -6.78
C TRP B 201 -10.04 15.80 -6.37
N SER B 202 -9.83 15.39 -5.12
CA SER B 202 -10.35 14.12 -4.65
C SER B 202 -11.87 14.14 -4.60
N LEU B 203 -12.42 15.31 -4.26
CA LEU B 203 -13.86 15.51 -4.29
C LEU B 203 -14.40 15.30 -5.70
N GLY B 204 -13.68 15.86 -6.68
CA GLY B 204 -14.04 15.69 -8.09
C GLY B 204 -14.01 14.23 -8.51
N ILE B 205 -13.00 13.50 -8.04
CA ILE B 205 -12.90 12.08 -8.31
C ILE B 205 -14.08 11.31 -7.69
N MET B 206 -14.54 11.78 -6.53
CA MET B 206 -15.60 11.12 -5.80
C MET B 206 -16.97 11.41 -6.44
N ALA B 207 -17.12 12.60 -7.01
CA ALA B 207 -18.36 12.92 -7.73
C ALA B 207 -18.50 12.03 -8.96
N ILE B 208 -17.41 11.78 -9.66
CA ILE B 208 -17.43 10.86 -10.78
C ILE B 208 -17.78 9.46 -10.31
N GLU B 209 -17.23 9.08 -9.16
CA GLU B 209 -17.54 7.80 -8.55
C GLU B 209 -19.04 7.67 -8.24
N MET B 210 -19.63 8.76 -7.76
CA MET B 210 -21.05 8.78 -7.43
C MET B 210 -21.94 8.59 -8.66
N ILE B 211 -21.59 9.20 -9.78
CA ILE B 211 -22.45 9.14 -10.96
C ILE B 211 -22.09 7.93 -11.85
N GLU B 212 -20.95 7.31 -11.61
CA GLU B 212 -20.57 6.13 -12.40
C GLU B 212 -20.69 4.82 -11.63
N GLY B 213 -20.92 4.89 -10.32
CA GLY B 213 -20.97 3.70 -9.50
C GLY B 213 -19.61 3.22 -9.01
N GLU B 214 -18.55 3.60 -9.71
CA GLU B 214 -17.19 3.16 -9.36
C GLU B 214 -16.17 4.28 -9.47
N PRO B 215 -15.12 4.24 -8.64
CA PRO B 215 -14.05 5.21 -8.82
C PRO B 215 -13.28 4.94 -10.11
N PRO B 216 -12.86 6.01 -10.82
CA PRO B 216 -12.01 5.83 -12.00
C PRO B 216 -10.67 5.24 -11.59
N TYR B 217 -9.96 4.61 -12.52
CA TYR B 217 -8.61 4.08 -12.27
C TYR B 217 -8.59 2.86 -11.35
N LEU B 218 -9.72 2.59 -10.70
CA LEU B 218 -9.80 1.57 -9.65
C LEU B 218 -9.31 0.20 -10.12
N ASN B 219 -9.66 -0.18 -11.34
CA ASN B 219 -9.35 -1.50 -11.85
C ASN B 219 -8.16 -1.52 -12.80
N GLU B 220 -7.26 -0.57 -12.60
CA GLU B 220 -5.96 -0.56 -13.26
C GLU B 220 -4.90 -0.98 -12.26
N ASN B 221 -3.74 -1.42 -12.75
CA ASN B 221 -2.59 -1.57 -11.87
C ASN B 221 -2.22 -0.20 -11.32
N PRO B 222 -1.86 -0.15 -10.03
CA PRO B 222 -1.55 1.12 -9.35
C PRO B 222 -0.57 1.99 -10.12
N LEU B 223 0.40 1.36 -10.78
CA LEU B 223 1.43 2.09 -11.51
C LEU B 223 0.90 2.68 -12.80
N ARG B 224 0.01 1.93 -13.45
CA ARG B 224 -0.71 2.40 -14.62
C ARG B 224 -1.54 3.64 -14.27
N ALA B 225 -2.35 3.50 -13.23
CA ALA B 225 -3.21 4.59 -12.76
C ALA B 225 -2.36 5.77 -12.32
N LEU B 226 -1.26 5.47 -11.64
CA LEU B 226 -0.29 6.49 -11.24
C LEU B 226 0.14 7.33 -12.43
N TYR B 227 0.64 6.65 -13.46
CA TYR B 227 1.05 7.30 -14.70
C TYR B 227 -0.10 8.11 -15.31
N LEU B 228 -1.27 7.48 -15.41
CA LEU B 228 -2.46 8.12 -15.97
C LEU B 228 -2.87 9.37 -15.18
N ILE B 229 -2.86 9.27 -13.85
CA ILE B 229 -3.22 10.39 -12.99
C ILE B 229 -2.28 11.57 -13.22
N ALA B 230 -0.99 11.30 -13.40
CA ALA B 230 -0.03 12.38 -13.60
C ALA B 230 -0.06 12.96 -15.00
N THR B 231 -0.15 12.09 -16.00
CA THR B 231 -0.12 12.53 -17.40
C THR B 231 -1.45 13.10 -17.87
N ASN B 232 -2.47 12.25 -17.93
CA ASN B 232 -3.80 12.68 -18.38
C ASN B 232 -4.54 13.53 -17.36
N GLY B 233 -4.20 13.34 -16.08
CA GLY B 233 -4.95 13.95 -15.01
C GLY B 233 -6.18 13.13 -14.69
N THR B 234 -7.29 13.46 -15.32
CA THR B 234 -8.54 12.74 -15.13
C THR B 234 -8.83 11.88 -16.35
N PRO B 235 -9.51 10.74 -16.16
CA PRO B 235 -9.96 10.06 -17.36
C PRO B 235 -11.21 10.74 -17.89
N GLU B 236 -11.53 10.54 -19.15
CA GLU B 236 -12.82 11.00 -19.65
C GLU B 236 -13.91 10.20 -18.95
N LEU B 237 -15.10 10.77 -18.83
CA LEU B 237 -16.22 10.05 -18.24
C LEU B 237 -16.50 8.79 -19.06
N GLN B 238 -16.90 7.72 -18.39
CA GLN B 238 -17.31 6.51 -19.09
C GLN B 238 -18.47 6.83 -20.01
N ASN B 239 -19.48 7.49 -19.45
CA ASN B 239 -20.65 7.91 -20.22
C ASN B 239 -20.91 9.39 -19.99
N PRO B 240 -20.12 10.26 -20.65
CA PRO B 240 -20.23 11.71 -20.43
C PRO B 240 -21.56 12.31 -20.88
N GLU B 241 -22.27 11.62 -21.76
CA GLU B 241 -23.53 12.14 -22.30
C GLU B 241 -24.62 12.12 -21.22
N LYS B 242 -24.43 11.29 -20.21
CA LYS B 242 -25.44 11.11 -19.16
C LYS B 242 -25.43 12.24 -18.13
N LEU B 243 -24.41 13.10 -18.19
CA LEU B 243 -24.28 14.18 -17.21
C LEU B 243 -24.78 15.50 -17.79
N SER B 244 -25.43 16.30 -16.95
CA SER B 244 -25.84 17.64 -17.33
C SER B 244 -24.61 18.52 -17.59
N ALA B 245 -24.83 19.62 -18.29
CA ALA B 245 -23.75 20.53 -18.63
C ALA B 245 -23.16 21.19 -17.38
N ILE B 246 -24.00 21.53 -16.42
CA ILE B 246 -23.51 22.23 -15.25
C ILE B 246 -22.79 21.27 -14.29
N PHE B 247 -23.14 19.99 -14.32
CA PHE B 247 -22.43 18.98 -13.56
C PHE B 247 -21.01 18.81 -14.11
N ARG B 248 -20.90 18.66 -15.42
CA ARG B 248 -19.58 18.48 -16.04
C ARG B 248 -18.68 19.69 -15.78
N ASP B 249 -19.28 20.88 -15.74
CA ASP B 249 -18.52 22.08 -15.42
C ASP B 249 -17.98 22.04 -14.00
N PHE B 250 -18.83 21.61 -13.06
CA PHE B 250 -18.42 21.43 -11.67
C PHE B 250 -17.22 20.48 -11.61
N LEU B 251 -17.35 19.35 -12.29
CA LEU B 251 -16.26 18.38 -12.37
C LEU B 251 -14.98 19.02 -12.92
N ASN B 252 -15.11 19.82 -13.97
CA ASN B 252 -13.96 20.49 -14.57
C ASN B 252 -13.25 21.44 -13.61
N ARG B 253 -14.03 22.21 -12.85
CA ARG B 253 -13.48 23.12 -11.86
C ARG B 253 -12.74 22.35 -10.76
N CYS B 254 -13.23 21.15 -10.45
CA CYS B 254 -12.63 20.27 -9.46
C CYS B 254 -11.36 19.60 -9.98
N LEU B 255 -11.37 19.22 -11.25
CA LEU B 255 -10.30 18.37 -11.77
C LEU B 255 -9.39 19.10 -12.77
N GLU B 256 -9.21 20.40 -12.54
CA GLU B 256 -8.24 21.17 -13.31
C GLU B 256 -6.83 20.78 -12.85
N MET B 257 -5.99 20.32 -13.79
CA MET B 257 -4.64 19.88 -13.45
C MET B 257 -3.79 21.01 -12.89
N ASP B 258 -3.98 22.21 -13.41
CA ASP B 258 -3.25 23.36 -12.89
C ASP B 258 -3.83 23.75 -11.55
N VAL B 259 -3.05 23.53 -10.49
CA VAL B 259 -3.48 23.79 -9.12
C VAL B 259 -4.10 25.18 -8.96
N GLU B 260 -3.47 26.18 -9.58
CA GLU B 260 -3.93 27.56 -9.48
C GLU B 260 -5.28 27.78 -10.16
N LYS B 261 -5.51 27.05 -11.25
CA LYS B 261 -6.75 27.19 -12.00
C LYS B 261 -7.88 26.39 -11.34
N ARG B 262 -7.50 25.34 -10.60
CA ARG B 262 -8.46 24.52 -9.86
C ARG B 262 -9.16 25.36 -8.80
N GLY B 263 -10.43 25.06 -8.55
CA GLY B 263 -11.21 25.82 -7.59
C GLY B 263 -10.85 25.51 -6.15
N SER B 264 -11.10 26.48 -5.28
CA SER B 264 -11.01 26.27 -3.84
C SER B 264 -12.37 25.85 -3.31
N ALA B 265 -12.39 25.39 -2.06
CA ALA B 265 -13.63 24.95 -1.44
C ALA B 265 -14.61 26.12 -1.36
N LYS B 266 -14.10 27.29 -1.00
CA LYS B 266 -14.94 28.49 -0.86
C LYS B 266 -15.50 28.92 -2.21
N GLU B 267 -14.71 28.78 -3.27
CA GLU B 267 -15.17 29.14 -4.60
C GLU B 267 -16.24 28.16 -5.09
N LEU B 268 -15.99 26.87 -4.91
CA LEU B 268 -16.87 25.83 -5.42
C LEU B 268 -18.20 25.78 -4.68
N LEU B 269 -18.22 26.28 -3.45
CA LEU B 269 -19.48 26.36 -2.72
C LEU B 269 -20.46 27.31 -3.41
N GLN B 270 -19.93 28.19 -4.26
CA GLN B 270 -20.76 29.14 -4.99
C GLN B 270 -21.16 28.58 -6.37
N HIS B 271 -20.65 27.41 -6.73
CA HIS B 271 -20.88 26.87 -8.06
C HIS B 271 -22.37 26.54 -8.30
N GLN B 272 -22.83 26.84 -9.51
CA GLN B 272 -24.25 26.69 -9.88
C GLN B 272 -24.75 25.25 -9.69
N PHE B 273 -23.86 24.29 -9.88
CA PHE B 273 -24.22 22.88 -9.78
C PHE B 273 -24.81 22.54 -8.42
N LEU B 274 -24.31 23.17 -7.37
CA LEU B 274 -24.77 22.86 -6.01
C LEU B 274 -26.19 23.36 -5.78
N LYS B 275 -26.67 24.23 -6.67
CA LYS B 275 -27.98 24.83 -6.47
C LYS B 275 -29.12 23.90 -6.88
N ILE B 276 -28.79 22.80 -7.56
CA ILE B 276 -29.79 21.78 -7.85
C ILE B 276 -29.87 20.74 -6.74
N ALA B 277 -29.12 20.95 -5.65
CA ALA B 277 -29.08 20.00 -4.55
C ALA B 277 -30.46 19.75 -3.94
N LYS B 278 -30.81 18.48 -3.77
CA LYS B 278 -32.02 18.12 -3.08
C LYS B 278 -31.81 18.27 -1.57
N PRO B 279 -32.91 18.36 -0.80
CA PRO B 279 -32.79 18.31 0.66
C PRO B 279 -32.04 17.05 1.09
N LEU B 280 -31.40 17.09 2.25
CA LEU B 280 -30.62 15.95 2.70
C LEU B 280 -31.53 14.74 3.01
N SER B 281 -32.81 15.00 3.18
CA SER B 281 -33.78 13.92 3.38
C SER B 281 -33.85 13.00 2.16
N SER B 282 -33.47 13.52 0.99
CA SER B 282 -33.46 12.73 -0.25
C SER B 282 -32.39 11.64 -0.26
N LEU B 283 -31.49 11.66 0.72
CA LEU B 283 -30.45 10.66 0.83
C LEU B 283 -30.89 9.44 1.63
N THR B 284 -31.87 9.63 2.50
CA THR B 284 -32.34 8.55 3.36
C THR B 284 -32.88 7.33 2.59
N PRO B 285 -33.58 7.55 1.46
CA PRO B 285 -33.96 6.33 0.72
C PRO B 285 -32.76 5.59 0.12
N LEU B 286 -31.69 6.32 -0.18
CA LEU B 286 -30.46 5.68 -0.66
C LEU B 286 -29.85 4.81 0.44
N ILE B 287 -29.88 5.33 1.67
CA ILE B 287 -29.39 4.59 2.81
C ILE B 287 -30.20 3.31 3.02
N ALA B 288 -31.53 3.45 2.99
CA ALA B 288 -32.43 2.30 3.10
C ALA B 288 -32.11 1.25 2.04
N ALA B 289 -31.95 1.69 0.79
CA ALA B 289 -31.64 0.76 -0.28
C ALA B 289 -30.31 0.05 -0.03
N ALA B 290 -29.27 0.82 0.27
CA ALA B 290 -27.95 0.25 0.52
C ALA B 290 -28.00 -0.77 1.65
N LYS B 291 -28.68 -0.42 2.74
CA LYS B 291 -28.86 -1.33 3.87
C LYS B 291 -29.61 -2.59 3.48
N GLU B 292 -30.68 -2.45 2.70
CA GLU B 292 -31.44 -3.60 2.24
C GLU B 292 -30.58 -4.48 1.34
N ALA B 293 -29.76 -3.84 0.52
CA ALA B 293 -28.88 -4.54 -0.42
C ALA B 293 -27.73 -5.25 0.28
N THR B 294 -27.28 -4.71 1.42
CA THR B 294 -26.14 -5.29 2.12
C THR B 294 -26.54 -6.54 2.88
N LYS B 295 -27.80 -6.59 3.33
CA LYS B 295 -28.36 -7.78 3.98
C LYS B 295 -29.87 -7.61 4.19
#